data_1TWB
#
_entry.id   1TWB
#
_cell.length_a   68.237
_cell.length_b   68.237
_cell.length_c   110.384
_cell.angle_alpha   90.00
_cell.angle_beta   90.00
_cell.angle_gamma   120.00
#
_symmetry.space_group_name_H-M   'P 31 2 1'
#
loop_
_entity.id
_entity.type
_entity.pdbx_description
1 polymer 'Stringent starvation protein B homolog'
2 polymer 'ssrA peptide'
3 water water
#
loop_
_entity_poly.entity_id
_entity_poly.type
_entity_poly.pdbx_seq_one_letter_code
_entity_poly.pdbx_strand_id
1 'polypeptide(L)'
;MEYKSSPKRPYLLRAYYDWLVDNSFTPYLVVDATYLGVNVPVECVKDGQIVLNLSASATGNLQLTNDFIQFNARFKGVSR
ELYIPMGAALAIYARENGDGVMFEPEEIYD
;
A,B
2 'polypeptide(L)' ACNDENYA C,D
#
# COMPACT_ATOMS: atom_id res chain seq x y z
N SER A 5 -2.95 13.97 36.51
CA SER A 5 -3.99 12.89 36.47
C SER A 5 -4.06 12.27 35.07
N SER A 6 -4.25 10.95 35.03
CA SER A 6 -4.33 10.21 33.78
C SER A 6 -5.50 10.70 32.93
N PRO A 7 -5.53 10.34 31.63
CA PRO A 7 -6.58 10.72 30.69
C PRO A 7 -7.93 10.05 31.02
N LYS A 8 -9.02 10.72 30.68
CA LYS A 8 -10.38 10.23 30.92
C LYS A 8 -10.89 9.39 29.77
N ARG A 9 -10.29 9.57 28.60
CA ARG A 9 -10.69 8.88 27.39
C ARG A 9 -11.00 7.39 27.49
N PRO A 10 -10.11 6.60 28.10
CA PRO A 10 -10.40 5.16 28.20
C PRO A 10 -11.62 4.85 29.05
N TYR A 11 -11.84 5.64 30.10
CA TYR A 11 -13.00 5.42 30.97
C TYR A 11 -14.28 5.77 30.21
N LEU A 12 -14.24 6.85 29.44
CA LEU A 12 -15.41 7.25 28.65
C LEU A 12 -15.63 6.27 27.50
N LEU A 13 -14.55 5.76 26.94
CA LEU A 13 -14.67 4.80 25.84
C LEU A 13 -15.41 3.55 26.33
N ARG A 14 -15.05 3.07 27.51
CA ARG A 14 -15.69 1.88 28.06
C ARG A 14 -17.15 2.13 28.44
N ALA A 15 -17.43 3.33 28.99
CA ALA A 15 -18.79 3.69 29.36
C ALA A 15 -19.70 3.64 28.14
N TYR A 16 -19.27 4.29 27.06
CA TYR A 16 -20.06 4.31 25.83
C TYR A 16 -20.16 2.95 25.16
N TYR A 17 -19.08 2.18 25.23
CA TYR A 17 -19.09 0.85 24.63
C TYR A 17 -20.19 0.04 25.30
N ASP A 18 -20.19 0.01 26.62
CA ASP A 18 -21.19 -0.75 27.36
C ASP A 18 -22.61 -0.19 27.11
N TRP A 19 -22.77 1.11 27.14
CA TRP A 19 -24.09 1.70 26.91
C TRP A 19 -24.63 1.29 25.54
N LEU A 20 -23.77 1.37 24.52
CA LEU A 20 -24.14 0.99 23.17
C LEU A 20 -24.59 -0.47 23.09
N VAL A 21 -23.73 -1.36 23.59
CA VAL A 21 -24.02 -2.78 23.58
C VAL A 21 -25.30 -3.11 24.37
N ASP A 22 -25.45 -2.51 25.55
CA ASP A 22 -26.62 -2.78 26.39
C ASP A 22 -27.92 -2.28 25.77
N ASN A 23 -27.82 -1.29 24.89
CA ASN A 23 -29.00 -0.76 24.23
C ASN A 23 -29.23 -1.33 22.83
N SER A 24 -28.70 -2.53 22.61
CA SER A 24 -28.83 -3.24 21.35
C SER A 24 -28.17 -2.59 20.14
N PHE A 25 -27.16 -1.76 20.35
CA PHE A 25 -26.47 -1.11 19.24
C PHE A 25 -25.16 -1.84 18.94
N THR A 26 -24.61 -1.59 17.75
CA THR A 26 -23.35 -2.21 17.34
C THR A 26 -22.30 -1.12 17.44
N PRO A 27 -21.35 -1.27 18.39
CA PRO A 27 -20.29 -0.27 18.56
C PRO A 27 -19.23 -0.24 17.47
N TYR A 28 -19.08 0.93 16.84
CA TYR A 28 -18.08 1.16 15.79
C TYR A 28 -17.04 2.16 16.32
N LEU A 29 -15.77 1.87 16.10
CA LEU A 29 -14.70 2.74 16.58
C LEU A 29 -14.04 3.47 15.41
N VAL A 30 -13.79 4.76 15.57
CA VAL A 30 -13.12 5.54 14.53
C VAL A 30 -11.68 5.78 15.01
N VAL A 31 -10.72 5.35 14.20
CA VAL A 31 -9.31 5.46 14.56
C VAL A 31 -8.45 6.34 13.65
N ASP A 32 -7.51 7.04 14.26
CA ASP A 32 -6.58 7.90 13.54
C ASP A 32 -5.49 6.96 13.04
N ALA A 33 -5.53 6.64 11.75
CA ALA A 33 -4.56 5.72 11.16
C ALA A 33 -3.12 6.23 11.18
N THR A 34 -2.93 7.53 11.29
CA THR A 34 -1.58 8.10 11.29
C THR A 34 -0.92 8.14 12.66
N TYR A 35 -1.72 8.02 13.71
CA TYR A 35 -1.19 8.06 15.07
C TYR A 35 -0.14 6.97 15.27
N LEU A 36 0.95 7.32 15.96
CA LEU A 36 2.05 6.39 16.23
C LEU A 36 1.61 5.14 16.98
N GLY A 37 2.07 3.98 16.51
CA GLY A 37 1.73 2.73 17.17
C GLY A 37 0.48 2.02 16.68
N VAL A 38 -0.30 2.66 15.83
CA VAL A 38 -1.51 2.02 15.32
C VAL A 38 -1.10 0.76 14.57
N ASN A 39 -1.68 -0.38 14.92
CA ASN A 39 -1.33 -1.62 14.26
C ASN A 39 -2.57 -2.32 13.72
N VAL A 40 -2.92 -1.99 12.48
CA VAL A 40 -4.08 -2.57 11.81
C VAL A 40 -3.76 -2.82 10.33
N PRO A 41 -4.47 -3.75 9.69
CA PRO A 41 -4.26 -4.08 8.28
C PRO A 41 -4.34 -2.82 7.40
N VAL A 42 -3.36 -2.64 6.50
CA VAL A 42 -3.33 -1.47 5.63
C VAL A 42 -4.59 -1.24 4.82
N GLU A 43 -5.20 -2.32 4.36
CA GLU A 43 -6.43 -2.24 3.56
C GLU A 43 -7.57 -1.54 4.30
N CYS A 44 -7.38 -1.32 5.61
CA CYS A 44 -8.39 -0.66 6.43
C CYS A 44 -8.30 0.84 6.39
N VAL A 45 -7.13 1.35 6.02
CA VAL A 45 -6.92 2.78 5.98
C VAL A 45 -7.62 3.45 4.79
N LYS A 46 -8.40 4.47 5.09
CA LYS A 46 -9.12 5.24 4.08
C LYS A 46 -9.24 6.66 4.62
N ASP A 47 -8.75 7.63 3.87
CA ASP A 47 -8.79 9.03 4.29
C ASP A 47 -8.06 9.26 5.62
N GLY A 48 -7.02 8.47 5.87
CA GLY A 48 -6.27 8.61 7.10
C GLY A 48 -6.96 8.10 8.35
N GLN A 49 -8.08 7.39 8.16
CA GLN A 49 -8.83 6.85 9.28
C GLN A 49 -9.21 5.40 9.06
N ILE A 50 -9.65 4.77 10.15
CA ILE A 50 -10.06 3.36 10.14
C ILE A 50 -11.35 3.26 10.93
N VAL A 51 -12.29 2.46 10.44
CA VAL A 51 -13.56 2.25 11.12
C VAL A 51 -13.66 0.76 11.44
N LEU A 52 -13.87 0.44 12.70
CA LEU A 52 -13.93 -0.96 13.13
C LEU A 52 -15.18 -1.31 13.92
N ASN A 53 -15.69 -2.52 13.69
CA ASN A 53 -16.86 -3.03 14.38
C ASN A 53 -16.30 -3.70 15.63
N LEU A 54 -16.63 -3.15 16.80
CA LEU A 54 -16.12 -3.69 18.06
C LEU A 54 -17.05 -4.61 18.83
N SER A 55 -18.16 -5.01 18.22
CA SER A 55 -19.11 -5.89 18.90
C SER A 55 -18.46 -7.24 19.22
N ALA A 56 -19.06 -7.95 20.15
CA ALA A 56 -18.54 -9.26 20.56
C ALA A 56 -18.56 -10.28 19.43
N SER A 57 -19.52 -10.15 18.52
CA SER A 57 -19.63 -11.09 17.42
C SER A 57 -18.65 -10.81 16.28
N ALA A 58 -18.22 -9.57 16.15
CA ALA A 58 -17.29 -9.18 15.09
C ALA A 58 -15.84 -9.22 15.57
N THR A 59 -15.66 -9.44 16.87
CA THR A 59 -14.32 -9.49 17.44
C THR A 59 -14.13 -10.67 18.37
N GLY A 60 -12.89 -10.84 18.80
CA GLY A 60 -12.57 -11.90 19.72
C GLY A 60 -11.56 -11.38 20.72
N ASN A 61 -11.74 -11.73 21.99
CA ASN A 61 -10.81 -11.34 23.05
C ASN A 61 -10.60 -9.83 23.14
N LEU A 62 -11.65 -9.07 22.90
CA LEU A 62 -11.57 -7.62 22.95
C LEU A 62 -11.14 -7.07 24.32
N GLN A 63 -10.15 -6.19 24.31
CA GLN A 63 -9.68 -5.57 25.55
C GLN A 63 -9.70 -4.07 25.37
N LEU A 64 -10.37 -3.38 26.28
CA LEU A 64 -10.42 -1.93 26.28
C LEU A 64 -9.66 -1.53 27.53
N THR A 65 -8.34 -1.37 27.41
CA THR A 65 -7.53 -1.01 28.57
C THR A 65 -7.33 0.51 28.58
N ASN A 66 -6.70 1.04 29.62
CA ASN A 66 -6.49 2.48 29.68
C ASN A 66 -5.56 3.01 28.59
N ASP A 67 -4.57 2.21 28.19
CA ASP A 67 -3.59 2.66 27.19
C ASP A 67 -3.80 2.16 25.77
N PHE A 68 -4.64 1.15 25.59
CA PHE A 68 -4.84 0.63 24.25
C PHE A 68 -6.04 -0.27 24.11
N ILE A 69 -6.43 -0.45 22.86
CA ILE A 69 -7.53 -1.31 22.47
C ILE A 69 -6.87 -2.45 21.71
N GLN A 70 -7.19 -3.68 22.08
CA GLN A 70 -6.59 -4.83 21.42
C GLN A 70 -7.64 -5.91 21.24
N PHE A 71 -7.62 -6.56 20.08
CA PHE A 71 -8.57 -7.61 19.77
C PHE A 71 -8.23 -8.33 18.49
N ASN A 72 -8.90 -9.46 18.28
CA ASN A 72 -8.74 -10.22 17.05
C ASN A 72 -9.99 -9.89 16.26
N ALA A 73 -9.85 -9.85 14.94
CA ALA A 73 -10.96 -9.56 14.05
C ALA A 73 -10.63 -10.27 12.74
N ARG A 74 -11.65 -10.52 11.92
CA ARG A 74 -11.49 -11.22 10.66
C ARG A 74 -11.68 -10.26 9.50
N PHE A 75 -10.77 -10.34 8.53
CA PHE A 75 -10.82 -9.46 7.36
C PHE A 75 -10.85 -10.30 6.09
N LYS A 76 -12.00 -10.30 5.43
CA LYS A 76 -12.17 -11.07 4.21
C LYS A 76 -11.75 -12.51 4.54
N GLY A 77 -12.16 -12.97 5.71
CA GLY A 77 -11.86 -14.33 6.15
C GLY A 77 -10.56 -14.54 6.90
N VAL A 78 -9.66 -13.57 6.83
CA VAL A 78 -8.35 -13.68 7.49
C VAL A 78 -8.33 -13.09 8.89
N SER A 79 -8.02 -13.92 9.87
CA SER A 79 -7.96 -13.46 11.26
C SER A 79 -6.69 -12.64 11.46
N ARG A 80 -6.85 -11.46 12.04
CA ARG A 80 -5.74 -10.54 12.29
C ARG A 80 -5.88 -9.95 13.70
N GLU A 81 -4.74 -9.67 14.33
CA GLU A 81 -4.73 -9.07 15.66
C GLU A 81 -4.49 -7.58 15.51
N LEU A 82 -5.33 -6.77 16.14
CA LEU A 82 -5.19 -5.32 16.06
C LEU A 82 -4.76 -4.71 17.38
N TYR A 83 -3.99 -3.63 17.29
CA TYR A 83 -3.50 -2.92 18.46
C TYR A 83 -3.68 -1.44 18.18
N ILE A 84 -4.45 -0.77 19.04
CA ILE A 84 -4.74 0.65 18.85
C ILE A 84 -4.44 1.50 20.08
N PRO A 85 -3.38 2.33 20.02
CA PRO A 85 -3.06 3.17 21.18
C PRO A 85 -4.30 4.04 21.47
N MET A 86 -4.62 4.24 22.74
CA MET A 86 -5.80 5.02 23.11
C MET A 86 -5.83 6.42 22.49
N GLY A 87 -4.64 7.01 22.34
CA GLY A 87 -4.56 8.34 21.74
C GLY A 87 -5.08 8.42 20.32
N ALA A 88 -5.13 7.28 19.63
CA ALA A 88 -5.59 7.22 18.25
C ALA A 88 -7.10 7.00 18.14
N ALA A 89 -7.74 6.68 19.27
CA ALA A 89 -9.18 6.46 19.28
C ALA A 89 -9.86 7.82 19.22
N LEU A 90 -10.56 8.09 18.12
CA LEU A 90 -11.21 9.39 17.96
C LEU A 90 -12.67 9.43 18.39
N ALA A 91 -13.39 8.35 18.15
CA ALA A 91 -14.81 8.27 18.52
C ALA A 91 -15.37 6.86 18.49
N ILE A 92 -16.50 6.69 19.18
CA ILE A 92 -17.19 5.42 19.23
C ILE A 92 -18.67 5.76 19.08
N TYR A 93 -19.37 5.05 18.20
CA TYR A 93 -20.78 5.34 17.99
C TYR A 93 -21.55 4.11 17.55
N ALA A 94 -22.86 4.24 17.53
CA ALA A 94 -23.71 3.13 17.13
C ALA A 94 -23.83 3.07 15.60
N ARG A 95 -23.58 1.89 15.04
CA ARG A 95 -23.70 1.69 13.60
C ARG A 95 -25.12 2.01 13.15
N GLU A 96 -26.08 1.60 13.97
CA GLU A 96 -27.50 1.79 13.67
C GLU A 96 -28.00 3.22 13.53
N ASN A 97 -27.48 4.15 14.32
CA ASN A 97 -27.96 5.53 14.24
C ASN A 97 -26.89 6.60 14.41
N GLY A 98 -25.65 6.19 14.65
CA GLY A 98 -24.57 7.16 14.82
C GLY A 98 -24.48 7.79 16.20
N ASP A 99 -25.28 7.31 17.15
CA ASP A 99 -25.25 7.86 18.50
C ASP A 99 -23.95 7.40 19.18
N GLY A 100 -23.27 8.32 19.83
CA GLY A 100 -22.02 7.98 20.49
C GLY A 100 -21.29 9.20 20.99
N VAL A 101 -19.97 9.14 21.01
CA VAL A 101 -19.20 10.28 21.47
C VAL A 101 -17.95 10.49 20.64
N MET A 102 -17.57 11.75 20.52
CA MET A 102 -16.39 12.15 19.79
C MET A 102 -15.50 12.63 20.92
N PHE A 103 -14.45 11.88 21.21
CA PHE A 103 -13.56 12.21 22.32
C PHE A 103 -12.90 13.57 22.24
N GLU A 104 -12.80 14.20 23.41
CA GLU A 104 -12.18 15.51 23.53
C GLU A 104 -10.67 15.34 23.48
N PRO A 105 -9.95 16.31 22.91
CA PRO A 105 -8.51 16.14 22.89
C PRO A 105 -7.99 16.19 24.33
N GLU A 106 -6.87 15.54 24.58
CA GLU A 106 -6.25 15.54 25.90
C GLU A 106 -4.73 15.66 25.71
N GLU A 107 -4.16 16.72 26.28
CA GLU A 107 -2.74 17.03 26.18
C GLU A 107 -1.81 15.82 26.05
N ILE A 108 -1.91 14.89 26.99
CA ILE A 108 -1.08 13.69 27.02
C ILE A 108 -0.99 12.97 25.68
N TYR A 109 -2.05 13.03 24.90
CA TYR A 109 -2.07 12.37 23.60
C TYR A 109 -1.36 13.17 22.50
N ASP A 110 -0.63 14.20 22.92
CA ASP A 110 0.10 15.03 21.97
C ASP A 110 1.60 14.98 22.28
N SER B 5 8.81 4.30 5.57
CA SER B 5 9.30 3.06 4.89
C SER B 5 9.51 3.29 3.39
N SER B 6 10.46 2.55 2.80
CA SER B 6 10.78 2.68 1.38
C SER B 6 9.62 2.28 0.45
N PRO B 7 9.70 2.70 -0.82
CA PRO B 7 8.67 2.40 -1.85
C PRO B 7 8.65 0.93 -2.21
N LYS B 8 7.48 0.41 -2.53
CA LYS B 8 7.36 -1.00 -2.90
C LYS B 8 7.62 -1.25 -4.39
N ARG B 9 7.58 -0.18 -5.19
CA ARG B 9 7.77 -0.27 -6.65
C ARG B 9 8.88 -1.18 -7.17
N PRO B 10 10.13 -0.95 -6.74
CA PRO B 10 11.22 -1.80 -7.25
C PRO B 10 10.99 -3.29 -6.95
N TYR B 11 10.39 -3.59 -5.80
CA TYR B 11 10.13 -4.98 -5.44
C TYR B 11 9.05 -5.61 -6.31
N LEU B 12 8.02 -4.83 -6.62
CA LEU B 12 6.92 -5.32 -7.46
C LEU B 12 7.42 -5.47 -8.90
N LEU B 13 8.26 -4.54 -9.32
CA LEU B 13 8.83 -4.59 -10.66
C LEU B 13 9.61 -5.90 -10.85
N ARG B 14 10.47 -6.23 -9.90
CA ARG B 14 11.24 -7.46 -10.01
C ARG B 14 10.37 -8.71 -10.02
N ALA B 15 9.31 -8.70 -9.22
CA ALA B 15 8.40 -9.85 -9.14
C ALA B 15 7.70 -10.07 -10.49
N TYR B 16 7.18 -9.00 -11.08
CA TYR B 16 6.51 -9.14 -12.38
C TYR B 16 7.51 -9.49 -13.48
N TYR B 17 8.72 -8.94 -13.39
CA TYR B 17 9.72 -9.23 -14.39
C TYR B 17 10.02 -10.73 -14.43
N ASP B 18 10.33 -11.30 -13.27
CA ASP B 18 10.66 -12.73 -13.20
C ASP B 18 9.48 -13.59 -13.61
N TRP B 19 8.28 -13.19 -13.23
CA TRP B 19 7.09 -13.96 -13.60
C TRP B 19 6.93 -13.96 -15.13
N LEU B 20 7.15 -12.81 -15.75
CA LEU B 20 7.01 -12.71 -17.20
C LEU B 20 8.00 -13.62 -17.91
N VAL B 21 9.27 -13.46 -17.55
CA VAL B 21 10.33 -14.27 -18.14
C VAL B 21 10.08 -15.75 -17.94
N ASP B 22 9.79 -16.17 -16.71
CA ASP B 22 9.56 -17.58 -16.42
C ASP B 22 8.39 -18.15 -17.21
N ASN B 23 7.46 -17.29 -17.64
CA ASN B 23 6.32 -17.75 -18.41
C ASN B 23 6.50 -17.55 -19.91
N SER B 24 7.75 -17.47 -20.35
CA SER B 24 8.06 -17.31 -21.76
C SER B 24 7.50 -16.02 -22.39
N PHE B 25 7.39 -14.96 -21.59
CA PHE B 25 6.90 -13.68 -22.13
C PHE B 25 8.08 -12.73 -22.25
N THR B 26 7.95 -11.73 -23.12
CA THR B 26 9.01 -10.74 -23.33
C THR B 26 8.63 -9.51 -22.50
N PRO B 27 9.42 -9.20 -21.47
CA PRO B 27 9.22 -8.06 -20.56
C PRO B 27 9.42 -6.69 -21.20
N TYR B 28 8.35 -5.91 -21.29
CA TYR B 28 8.40 -4.56 -21.85
C TYR B 28 8.21 -3.56 -20.72
N LEU B 29 9.06 -2.54 -20.68
CA LEU B 29 8.97 -1.52 -19.65
C LEU B 29 8.58 -0.18 -20.20
N VAL B 30 7.55 0.43 -19.61
CA VAL B 30 7.10 1.76 -20.03
C VAL B 30 7.73 2.75 -19.06
N VAL B 31 8.33 3.80 -19.61
CA VAL B 31 9.01 4.81 -18.80
C VAL B 31 8.58 6.23 -19.15
N ASP B 32 8.52 7.08 -18.11
CA ASP B 32 8.16 8.48 -18.28
C ASP B 32 9.43 9.20 -18.70
N ALA B 33 9.54 9.50 -20.00
CA ALA B 33 10.72 10.16 -20.56
C ALA B 33 11.02 11.54 -19.97
N THR B 34 10.05 12.17 -19.34
CA THR B 34 10.25 13.49 -18.77
C THR B 34 10.77 13.49 -17.33
N TYR B 35 10.80 12.31 -16.72
CA TYR B 35 11.27 12.18 -15.33
C TYR B 35 12.77 12.48 -15.22
N LEU B 36 13.11 13.30 -14.22
CA LEU B 36 14.49 13.69 -13.97
C LEU B 36 15.41 12.49 -13.79
N GLY B 37 16.57 12.53 -14.44
CA GLY B 37 17.53 11.44 -14.30
C GLY B 37 17.46 10.39 -15.40
N VAL B 38 16.37 10.38 -16.16
CA VAL B 38 16.22 9.41 -17.22
C VAL B 38 17.33 9.61 -18.25
N ASN B 39 18.04 8.53 -18.56
CA ASN B 39 19.13 8.59 -19.53
C ASN B 39 18.96 7.51 -20.59
N VAL B 40 18.33 7.89 -21.70
CA VAL B 40 18.09 6.98 -22.80
C VAL B 40 18.23 7.76 -24.12
N PRO B 41 18.48 7.04 -25.23
CA PRO B 41 18.62 7.70 -26.53
C PRO B 41 17.34 8.49 -26.80
N VAL B 42 17.50 9.73 -27.27
CA VAL B 42 16.35 10.58 -27.56
C VAL B 42 15.43 9.94 -28.58
N GLU B 43 15.98 9.17 -29.51
CA GLU B 43 15.17 8.51 -30.53
C GLU B 43 14.18 7.53 -29.92
N CYS B 44 14.30 7.30 -28.61
CA CYS B 44 13.41 6.40 -27.89
C CYS B 44 12.16 7.12 -27.41
N VAL B 45 12.30 8.42 -27.21
CA VAL B 45 11.20 9.25 -26.72
C VAL B 45 10.13 9.50 -27.76
N LYS B 46 8.88 9.30 -27.35
CA LYS B 46 7.73 9.50 -28.23
C LYS B 46 6.58 9.99 -27.36
N ASP B 47 6.19 11.25 -27.56
CA ASP B 47 5.09 11.83 -26.79
C ASP B 47 5.31 11.67 -25.28
N GLY B 48 6.54 11.91 -24.83
CA GLY B 48 6.84 11.81 -23.41
C GLY B 48 7.03 10.44 -22.79
N GLN B 49 6.99 9.39 -23.60
CA GLN B 49 7.17 8.04 -23.06
C GLN B 49 8.14 7.20 -23.87
N ILE B 50 8.70 6.19 -23.22
CA ILE B 50 9.68 5.27 -23.79
C ILE B 50 9.23 3.82 -23.51
N VAL B 51 9.43 2.93 -24.46
CA VAL B 51 9.08 1.52 -24.27
C VAL B 51 10.36 0.71 -24.50
N LEU B 52 10.76 -0.06 -23.48
CA LEU B 52 11.98 -0.83 -23.58
C LEU B 52 11.80 -2.33 -23.43
N ASN B 53 12.56 -3.08 -24.22
CA ASN B 53 12.52 -4.54 -24.16
C ASN B 53 13.59 -4.96 -23.16
N LEU B 54 13.17 -5.42 -22.00
CA LEU B 54 14.11 -5.82 -20.94
C LEU B 54 14.48 -7.30 -20.90
N SER B 55 14.17 -8.06 -21.94
CA SER B 55 14.53 -9.47 -21.92
C SER B 55 16.05 -9.58 -21.82
N ALA B 56 16.53 -10.73 -21.34
CA ALA B 56 17.96 -10.94 -21.21
C ALA B 56 18.58 -10.98 -22.61
N SER B 57 17.75 -11.25 -23.61
CA SER B 57 18.20 -11.34 -24.99
C SER B 57 18.43 -9.97 -25.64
N ALA B 58 17.57 -9.01 -25.30
CA ALA B 58 17.65 -7.67 -25.86
C ALA B 58 18.45 -6.69 -25.02
N THR B 59 19.04 -7.17 -23.94
CA THR B 59 19.83 -6.31 -23.05
C THR B 59 21.08 -7.03 -22.58
N GLY B 60 21.93 -6.27 -21.89
CA GLY B 60 23.16 -6.83 -21.35
C GLY B 60 23.39 -6.25 -19.96
N ASN B 61 23.84 -7.08 -19.02
CA ASN B 61 24.12 -6.63 -17.67
C ASN B 61 22.96 -5.89 -17.00
N LEU B 62 21.76 -6.39 -17.22
CA LEU B 62 20.56 -5.78 -16.67
C LEU B 62 20.54 -5.80 -15.14
N GLN B 63 20.29 -4.63 -14.53
CA GLN B 63 20.19 -4.51 -13.08
C GLN B 63 18.86 -3.86 -12.72
N LEU B 64 18.09 -4.51 -11.86
CA LEU B 64 16.82 -3.97 -11.39
C LEU B 64 17.03 -3.72 -9.89
N THR B 65 17.62 -2.57 -9.57
CA THR B 65 17.90 -2.20 -8.19
C THR B 65 16.71 -1.45 -7.59
N ASN B 66 16.81 -1.08 -6.31
CA ASN B 66 15.70 -0.38 -5.70
C ASN B 66 15.54 1.04 -6.22
N ASP B 67 16.64 1.71 -6.55
CA ASP B 67 16.55 3.08 -7.03
C ASP B 67 16.61 3.26 -8.54
N PHE B 68 16.95 2.22 -9.28
CA PHE B 68 17.05 2.36 -10.72
C PHE B 68 17.18 1.07 -11.50
N ILE B 69 16.94 1.20 -12.81
CA ILE B 69 17.07 0.10 -13.75
C ILE B 69 18.23 0.56 -14.61
N GLN B 70 19.19 -0.31 -14.88
CA GLN B 70 20.32 0.07 -15.69
C GLN B 70 20.75 -1.13 -16.51
N PHE B 71 21.08 -0.88 -17.77
CA PHE B 71 21.46 -1.96 -18.64
C PHE B 71 22.04 -1.43 -19.94
N ASN B 72 22.60 -2.34 -20.71
CA ASN B 72 23.15 -1.98 -22.01
C ASN B 72 22.16 -2.57 -23.01
N ALA B 73 21.99 -1.87 -24.12
CA ALA B 73 21.09 -2.31 -25.18
C ALA B 73 21.65 -1.83 -26.51
N ARG B 74 21.09 -2.30 -27.61
CA ARG B 74 21.56 -1.88 -28.92
C ARG B 74 20.49 -1.10 -29.66
N PHE B 75 20.93 -0.12 -30.44
CA PHE B 75 20.03 0.71 -31.23
C PHE B 75 20.69 0.85 -32.59
N LYS B 76 20.15 0.12 -33.56
CA LYS B 76 20.71 0.12 -34.91
C LYS B 76 22.10 -0.51 -34.83
N GLY B 77 22.26 -1.44 -33.89
CA GLY B 77 23.53 -2.12 -33.72
C GLY B 77 24.55 -1.45 -32.81
N VAL B 78 24.30 -0.19 -32.46
CA VAL B 78 25.22 0.53 -31.59
C VAL B 78 24.83 0.38 -30.11
N SER B 79 25.76 -0.15 -29.31
CA SER B 79 25.49 -0.36 -27.90
C SER B 79 25.50 0.96 -27.12
N ARG B 80 24.61 1.05 -26.14
CA ARG B 80 24.52 2.24 -25.29
C ARG B 80 23.96 1.85 -23.92
N GLU B 81 24.47 2.48 -22.87
CA GLU B 81 24.02 2.19 -21.52
C GLU B 81 22.87 3.09 -21.08
N LEU B 82 21.77 2.46 -20.64
CA LEU B 82 20.60 3.20 -20.19
C LEU B 82 20.50 3.22 -18.67
N TYR B 83 19.94 4.31 -18.17
CA TYR B 83 19.76 4.50 -16.73
C TYR B 83 18.34 5.02 -16.53
N ILE B 84 17.56 4.29 -15.76
CA ILE B 84 16.16 4.67 -15.52
C ILE B 84 15.81 4.80 -14.04
N PRO B 85 15.67 6.04 -13.54
CA PRO B 85 15.32 6.19 -12.12
C PRO B 85 14.02 5.43 -11.91
N MET B 86 13.93 4.68 -10.82
CA MET B 86 12.76 3.87 -10.51
C MET B 86 11.46 4.68 -10.58
N GLY B 87 11.52 5.94 -10.16
CA GLY B 87 10.34 6.78 -10.17
C GLY B 87 9.76 7.02 -11.57
N ALA B 88 10.57 6.76 -12.59
CA ALA B 88 10.15 6.96 -13.97
C ALA B 88 9.49 5.72 -14.54
N ALA B 89 9.57 4.61 -13.81
CA ALA B 89 8.98 3.36 -14.26
C ALA B 89 7.46 3.41 -14.07
N LEU B 90 6.73 3.34 -15.17
CA LEU B 90 5.27 3.42 -15.13
C LEU B 90 4.56 2.07 -15.15
N ALA B 91 5.03 1.15 -15.99
CA ALA B 91 4.40 -0.16 -16.08
C ALA B 91 5.35 -1.21 -16.68
N ILE B 92 5.01 -2.48 -16.49
CA ILE B 92 5.78 -3.59 -17.05
C ILE B 92 4.73 -4.59 -17.51
N TYR B 93 4.89 -5.11 -18.72
CA TYR B 93 3.90 -6.03 -19.26
C TYR B 93 4.48 -6.93 -20.33
N ALA B 94 3.75 -7.99 -20.66
CA ALA B 94 4.21 -8.93 -21.68
C ALA B 94 3.91 -8.42 -23.09
N ARG B 95 4.93 -8.37 -23.93
CA ARG B 95 4.75 -7.94 -25.31
C ARG B 95 3.70 -8.83 -25.99
N GLU B 96 3.70 -10.12 -25.64
CA GLU B 96 2.79 -11.09 -26.24
C GLU B 96 1.30 -11.00 -25.93
N ASN B 97 0.94 -10.59 -24.72
CA ASN B 97 -0.49 -10.56 -24.37
C ASN B 97 -0.97 -9.41 -23.50
N GLY B 98 -0.08 -8.47 -23.19
CA GLY B 98 -0.48 -7.34 -22.37
C GLY B 98 -0.64 -7.58 -20.88
N ASP B 99 -0.37 -8.78 -20.39
CA ASP B 99 -0.51 -9.03 -18.95
C ASP B 99 0.65 -8.36 -18.22
N GLY B 100 0.37 -7.82 -17.05
CA GLY B 100 1.41 -7.16 -16.29
C GLY B 100 0.82 -6.24 -15.23
N VAL B 101 1.48 -5.12 -15.00
CA VAL B 101 1.00 -4.20 -13.98
C VAL B 101 1.46 -2.78 -14.20
N MET B 102 0.64 -1.84 -13.77
CA MET B 102 0.96 -0.42 -13.84
C MET B 102 1.21 -0.08 -12.38
N PHE B 103 2.37 0.48 -12.08
CA PHE B 103 2.71 0.80 -10.70
C PHE B 103 1.89 1.91 -10.06
N GLU B 104 1.55 1.69 -8.80
CA GLU B 104 0.76 2.64 -8.02
C GLU B 104 1.58 3.89 -7.73
N PRO B 105 0.92 5.03 -7.53
CA PRO B 105 1.68 6.24 -7.24
C PRO B 105 2.24 6.12 -5.83
N GLU B 106 3.45 6.63 -5.62
CA GLU B 106 4.04 6.62 -4.29
C GLU B 106 4.64 7.99 -4.01
N GLU B 107 4.14 8.61 -2.95
CA GLU B 107 4.55 9.93 -2.50
C GLU B 107 6.01 10.28 -2.78
N ILE B 108 6.91 9.43 -2.30
CA ILE B 108 8.34 9.62 -2.46
C ILE B 108 8.78 9.95 -3.90
N TYR B 109 8.09 9.41 -4.89
CA TYR B 109 8.45 9.65 -6.28
C TYR B 109 7.96 11.00 -6.82
N ASP B 110 7.09 11.66 -6.09
CA ASP B 110 6.57 12.95 -6.51
C ASP B 110 7.47 14.07 -6.03
N ALA C 1 -17.64 -0.75 8.40
CA ALA C 1 -16.48 -1.22 9.21
C ALA C 1 -15.56 -2.07 8.33
N CYS C 2 -14.27 -2.06 8.64
CA CYS C 2 -13.28 -2.81 7.88
C CYS C 2 -13.36 -4.32 8.09
N ASN C 3 -13.62 -4.73 9.32
CA ASN C 3 -13.67 -6.16 9.64
C ASN C 3 -14.98 -6.88 9.39
N ASP C 4 -14.89 -8.16 9.03
CA ASP C 4 -16.06 -9.00 8.77
C ASP C 4 -17.03 -8.91 9.95
N GLU C 5 -18.33 -8.99 9.66
CA GLU C 5 -19.34 -8.91 10.71
C GLU C 5 -19.25 -10.04 11.74
N ASN C 6 -18.73 -11.19 11.31
CA ASN C 6 -18.60 -12.33 12.21
C ASN C 6 -17.15 -12.79 12.34
N TYR C 7 -16.64 -12.76 13.56
CA TYR C 7 -15.27 -13.19 13.80
C TYR C 7 -15.24 -14.72 13.82
N ALA C 8 -16.13 -15.30 14.61
CA ALA C 8 -16.21 -16.75 14.71
C ALA C 8 -17.04 -17.32 13.55
N ALA D 1 9.18 -1.79 -28.99
CA ALA D 1 10.26 -1.38 -28.05
C ALA D 1 11.34 -0.63 -28.82
N CYS D 2 12.00 0.31 -28.15
CA CYS D 2 13.04 1.11 -28.76
C CYS D 2 14.33 0.36 -29.09
N ASN D 3 14.77 -0.51 -28.19
CA ASN D 3 16.01 -1.26 -28.40
C ASN D 3 15.88 -2.47 -29.33
N ASP D 4 16.99 -2.86 -29.94
CA ASP D 4 17.00 -4.01 -30.85
C ASP D 4 16.65 -5.27 -30.06
N GLU D 5 15.96 -6.20 -30.71
CA GLU D 5 15.58 -7.44 -30.06
C GLU D 5 16.80 -8.28 -29.63
N ASN D 6 17.91 -8.10 -30.33
CA ASN D 6 19.12 -8.86 -29.99
C ASN D 6 20.30 -8.00 -29.66
N TYR D 7 20.75 -8.09 -28.42
CA TYR D 7 21.88 -7.29 -27.96
C TYR D 7 23.22 -7.96 -28.26
N ALA D 8 23.25 -9.29 -28.17
CA ALA D 8 24.47 -10.03 -28.42
C ALA D 8 24.67 -10.29 -29.91
#